data_3QWC
#
_entry.id   3QWC
#
_cell.length_a   70.600
_cell.length_b   71.500
_cell.length_c   72.700
_cell.angle_alpha   90.00
_cell.angle_beta   100.60
_cell.angle_gamma   90.00
#
_symmetry.space_group_name_H-M   'C 1 2 1'
#
loop_
_entity.id
_entity.type
_entity.pdbx_description
1 polymer 'Thrombin light chain'
2 polymer 'Thrombin heavy chain'
3 polymer 'Hirudin variant-2'
4 non-polymer 2-acetamido-2-deoxy-beta-D-glucopyranose
5 non-polymer 'SODIUM ION'
6 non-polymer GLYCEROL
7 non-polymer D-phenylalanyl-N-[(4-chloro-1-methylpyridinium-3-yl)methyl]-L-prolinamide
8 water water
#
loop_
_entity_poly.entity_id
_entity_poly.type
_entity_poly.pdbx_seq_one_letter_code
_entity_poly.pdbx_strand_id
1 'polypeptide(L)' TFGSGEADCGLRPLFEKKSLEDKTERELLESYIDGR L
2 'polypeptide(L)'
;IVEGSDAEIGMSPWQVMLFRKSPQELLCGASLISDRWVLTAAHCLLYPPWDKNFTENDLLVRIGKHSRTRYERNIEKISM
LEKIYIHPRYNWRENLDRDIALMKLKKPVAFSDYIHPVCLPDRETAASLLQAGYKGRVTGWGNLKETWTANVGKGQPSVL
QVVNLPIVERPVCKDSTRIRITDNMFCAGYKPDEGKRGDACEGDSGGPFVMKSPFNNRWYQMGIVSWGEGCDRDGKYGFY
THVFRLKKWIQKVIDQFGE
;
H
3 'polypeptide(L)' NGDFEEIPEE(TYS)LQ I
#
loop_
_chem_comp.id
_chem_comp.type
_chem_comp.name
_chem_comp.formula
98P peptide-like D-phenylalanyl-N-[(4-chloro-1-methylpyridinium-3-yl)methyl]-L-prolinamide 'C21 H26 Cl N4 O2 1'
GOL non-polymer GLYCEROL 'C3 H8 O3'
NA non-polymer 'SODIUM ION' 'Na 1'
NAG D-saccharide, beta linking 2-acetamido-2-deoxy-beta-D-glucopyranose 'C8 H15 N O6'
#
# COMPACT_ATOMS: atom_id res chain seq x y z
N GLU A 6 15.51 7.26 2.76
CA GLU A 6 16.70 6.90 3.53
C GLU A 6 17.66 6.04 2.69
N ALA A 7 18.93 6.06 3.04
CA ALA A 7 19.94 5.25 2.36
C ALA A 7 19.67 3.77 2.63
N ASP A 8 18.92 3.51 3.69
CA ASP A 8 18.65 2.16 4.16
C ASP A 8 17.27 1.66 3.70
N CYS A 9 16.61 2.41 2.82
CA CYS A 9 15.24 2.07 2.46
C CYS A 9 15.13 0.69 1.84
N GLY A 10 14.01 0.01 2.08
CA GLY A 10 13.72 -1.23 1.40
C GLY A 10 14.50 -2.45 1.83
N LEU A 11 15.29 -2.34 2.89
CA LEU A 11 16.03 -3.48 3.42
C LEU A 11 15.42 -3.81 4.78
N ARG A 12 14.74 -4.95 4.89
CA ARG A 12 13.98 -5.22 6.11
C ARG A 12 14.86 -5.74 7.23
N PRO A 13 14.70 -5.19 8.43
CA PRO A 13 15.53 -5.61 9.57
C PRO A 13 15.49 -7.11 9.83
N LEU A 14 14.33 -7.73 9.65
CA LEU A 14 14.22 -9.15 10.01
C LEU A 14 14.47 -10.07 8.84
N PHE A 15 14.75 -9.49 7.67
CA PHE A 15 15.00 -10.30 6.47
C PHE A 15 16.29 -9.93 5.75
N GLU A 16 16.27 -8.94 4.86
CA GLU A 16 17.51 -8.57 4.17
C GLU A 16 18.69 -8.29 5.09
N LYS A 17 18.44 -7.58 6.19
CA LYS A 17 19.55 -7.18 7.07
C LYS A 17 20.20 -8.38 7.76
N LYS A 18 19.46 -9.47 7.90
CA LYS A 18 19.96 -10.71 8.49
C LYS A 18 20.24 -11.78 7.44
N SER A 19 20.06 -11.44 6.16
CA SER A 19 20.16 -12.41 5.06
C SER A 19 19.19 -13.60 5.23
N LEU A 20 17.98 -13.32 5.70
CA LEU A 20 16.93 -14.34 5.78
C LEU A 20 15.90 -14.02 4.72
N GLU A 21 15.36 -15.04 4.07
CA GLU A 21 14.35 -14.81 3.05
C GLU A 21 12.96 -15.12 3.59
N ASP A 22 11.97 -14.36 3.15
CA ASP A 22 10.60 -14.64 3.55
C ASP A 22 10.04 -15.80 2.71
N LYS A 23 8.90 -16.34 3.12
CA LYS A 23 8.38 -17.58 2.54
C LYS A 23 7.98 -17.51 1.06
N THR A 24 7.74 -16.31 0.54
CA THR A 24 7.29 -16.25 -0.86
C THR A 24 8.06 -15.28 -1.75
N GLU A 25 9.12 -14.65 -1.26
CA GLU A 25 9.81 -13.69 -2.13
C GLU A 25 10.42 -14.36 -3.36
N ARG A 26 10.75 -15.65 -3.26
CA ARG A 26 11.31 -16.34 -4.40
C ARG A 26 10.35 -16.39 -5.58
N GLU A 27 9.03 -16.42 -5.31
CA GLU A 27 8.01 -16.38 -6.36
C GLU A 27 8.15 -15.11 -7.20
N LEU A 28 8.46 -13.99 -6.54
CA LEU A 28 8.68 -12.74 -7.25
C LEU A 28 9.92 -12.82 -8.14
N LEU A 29 11.03 -13.23 -7.55
CA LEU A 29 12.29 -13.33 -8.26
C LEU A 29 12.11 -14.23 -9.49
N GLU A 30 11.43 -15.35 -9.32
CA GLU A 30 11.25 -16.28 -10.44
C GLU A 30 10.43 -15.67 -11.59
N SER A 31 9.64 -14.64 -11.30
CA SER A 31 8.82 -14.01 -12.33
C SER A 31 9.59 -12.96 -13.13
N TYR A 32 10.76 -12.57 -12.63
CA TYR A 32 11.55 -11.51 -13.27
C TYR A 32 12.49 -12.13 -14.30
N ILE A 33 11.91 -12.54 -15.43
CA ILE A 33 12.61 -13.37 -16.39
C ILE A 33 13.36 -12.58 -17.47
N ILE B 1 -7.58 -8.23 1.60
CA ILE B 1 -6.90 -9.10 0.65
C ILE B 1 -7.65 -10.41 0.50
N VAL B 2 -7.97 -10.76 -0.74
CA VAL B 2 -8.69 -12.00 -1.03
C VAL B 2 -7.72 -13.08 -1.50
N GLU B 3 -7.82 -14.27 -0.92
CA GLU B 3 -6.97 -15.41 -1.30
C GLU B 3 -5.49 -15.17 -1.04
N GLY B 4 -5.18 -14.36 -0.03
CA GLY B 4 -3.80 -14.18 0.38
C GLY B 4 -3.47 -15.07 1.56
N SER B 5 -2.40 -14.73 2.28
CA SER B 5 -2.00 -15.49 3.45
C SER B 5 -1.56 -14.55 4.55
N ASP B 6 -1.44 -15.05 5.78
CA ASP B 6 -0.94 -14.22 6.87
C ASP B 6 0.47 -13.77 6.57
N ALA B 7 0.74 -12.49 6.79
CA ALA B 7 2.11 -12.00 6.74
C ALA B 7 3.00 -12.64 7.81
N GLU B 8 4.29 -12.74 7.51
CA GLU B 8 5.29 -13.05 8.53
C GLU B 8 5.57 -11.79 9.34
N ILE B 9 6.04 -11.94 10.57
CA ILE B 9 6.41 -10.79 11.38
C ILE B 9 7.52 -10.00 10.69
N GLY B 10 7.36 -8.68 10.59
CA GLY B 10 8.36 -7.82 9.99
C GLY B 10 8.51 -7.96 8.48
N MET B 11 7.57 -8.67 7.85
CA MET B 11 7.62 -8.91 6.41
C MET B 11 7.35 -7.65 5.59
N SER B 12 6.57 -6.73 6.16
CA SER B 12 6.19 -5.50 5.47
CA SER B 12 6.20 -5.50 5.47
C SER B 12 6.29 -4.32 6.43
N PRO B 13 7.51 -3.97 6.84
CA PRO B 13 7.69 -2.98 7.92
C PRO B 13 7.37 -1.55 7.52
N TRP B 14 7.14 -1.32 6.23
CA TRP B 14 6.63 -0.06 5.74
C TRP B 14 5.09 0.04 5.75
N GLN B 15 4.40 -1.05 6.12
CA GLN B 15 2.94 -1.01 6.09
CA GLN B 15 2.93 -1.06 6.14
C GLN B 15 2.39 -0.06 7.14
N VAL B 16 1.43 0.76 6.74
CA VAL B 16 0.84 1.73 7.65
C VAL B 16 -0.66 1.52 7.65
N MET B 17 -1.28 1.65 8.81
CA MET B 17 -2.74 1.66 8.90
C MET B 17 -3.24 3.08 9.14
N LEU B 18 -4.13 3.56 8.25
CA LEU B 18 -4.83 4.81 8.49
C LEU B 18 -6.00 4.51 9.39
N PHE B 19 -6.11 5.26 10.48
CA PHE B 19 -7.05 4.90 11.53
C PHE B 19 -7.92 6.11 11.90
N ARG B 20 -9.23 5.93 11.86
CA ARG B 20 -10.17 6.98 12.21
C ARG B 20 -10.23 7.10 13.73
N LYS B 21 -10.21 8.33 14.22
CA LYS B 21 -10.25 8.57 15.67
C LYS B 21 -11.63 8.29 16.23
N SER B 22 -12.66 8.75 15.54
CA SER B 22 -14.03 8.59 16.04
C SER B 22 -15.06 8.40 14.93
N PRO B 23 -15.69 7.21 14.89
CA PRO B 23 -15.36 6.10 15.80
C PRO B 23 -14.01 5.50 15.45
N GLN B 24 -13.45 4.67 16.33
CA GLN B 24 -12.17 4.03 16.06
C GLN B 24 -12.36 2.94 15.02
N GLU B 25 -11.76 3.13 13.85
CA GLU B 25 -12.01 2.24 12.71
C GLU B 25 -10.82 2.26 11.77
N LEU B 26 -10.57 1.14 11.11
CA LEU B 26 -9.60 1.14 10.02
C LEU B 26 -10.21 1.94 8.88
N LEU B 27 -9.40 2.78 8.26
CA LEU B 27 -9.85 3.57 7.11
C LEU B 27 -9.23 3.05 5.82
N CYS B 28 -7.94 2.75 5.87
CA CYS B 28 -7.19 2.48 4.64
C CYS B 28 -5.81 1.95 5.01
N GLY B 29 -5.11 1.41 4.02
CA GLY B 29 -3.67 1.17 4.17
C GLY B 29 -2.89 2.37 3.66
N ALA B 30 -1.58 2.29 3.81
CA ALA B 30 -0.66 3.37 3.45
C ALA B 30 0.74 2.80 3.60
N SER B 31 1.76 3.60 3.30
CA SER B 31 3.13 3.13 3.43
C SER B 31 4.08 4.18 3.95
N LEU B 32 5.10 3.72 4.66
CA LEU B 32 6.11 4.60 5.22
C LEU B 32 7.26 4.78 4.24
N ILE B 33 7.51 6.02 3.84
CA ILE B 33 8.60 6.25 2.87
C ILE B 33 9.78 7.04 3.45
N SER B 34 9.63 7.54 4.67
CA SER B 34 10.73 8.14 5.42
C SER B 34 10.27 8.26 6.85
N ASP B 35 11.08 8.82 7.74
CA ASP B 35 10.67 8.90 9.13
C ASP B 35 9.54 9.90 9.40
N ARG B 36 9.17 10.70 8.39
CA ARG B 36 8.13 11.68 8.61
C ARG B 36 7.07 11.75 7.50
N TRP B 37 7.18 10.87 6.50
CA TRP B 37 6.24 10.89 5.37
C TRP B 37 5.59 9.54 5.10
N VAL B 38 4.27 9.58 4.87
CA VAL B 38 3.50 8.38 4.60
C VAL B 38 2.74 8.59 3.29
N LEU B 39 2.74 7.58 2.44
CA LEU B 39 2.11 7.62 1.12
C LEU B 39 0.81 6.83 1.14
N THR B 40 -0.25 7.37 0.52
CA THR B 40 -1.50 6.62 0.46
C THR B 40 -2.28 6.98 -0.81
N ALA B 41 -3.49 6.45 -0.95
CA ALA B 41 -4.37 6.83 -2.07
C ALA B 41 -5.17 8.08 -1.71
N ALA B 42 -5.36 8.96 -2.68
CA ALA B 42 -6.15 10.17 -2.45
C ALA B 42 -7.57 9.84 -2.04
N HIS B 43 -8.14 8.77 -2.60
CA HIS B 43 -9.54 8.46 -2.33
C HIS B 43 -9.76 7.99 -0.89
N CYS B 44 -8.68 7.69 -0.19
CA CYS B 44 -8.75 7.36 1.23
C CYS B 44 -9.09 8.59 2.03
N LEU B 45 -8.75 9.76 1.49
CA LEU B 45 -8.93 11.01 2.21
C LEU B 45 -10.02 11.87 1.61
N LEU B 46 -10.18 11.80 0.29
CA LEU B 46 -11.12 12.66 -0.40
C LEU B 46 -11.90 11.88 -1.44
N TYR B 47 -13.21 11.80 -1.24
CA TYR B 47 -14.08 11.16 -2.22
C TYR B 47 -15.52 11.66 -2.05
N PRO B 48 -15.80 12.82 -2.65
CA PRO B 48 -17.09 13.53 -2.57
C PRO B 48 -18.32 12.68 -2.87
N PRO B 49 -18.24 11.74 -3.84
CA PRO B 49 -19.44 10.92 -4.07
C PRO B 49 -19.94 10.18 -2.82
N TRP B 50 -19.03 9.90 -1.88
CA TRP B 50 -19.39 9.20 -0.64
C TRP B 50 -19.31 10.13 0.57
N ASP B 51 -19.32 11.44 0.32
CA ASP B 51 -19.24 12.44 1.39
C ASP B 51 -17.97 12.27 2.23
N LYS B 52 -16.90 11.83 1.59
CA LYS B 52 -15.65 11.60 2.31
C LYS B 52 -14.69 12.76 2.08
N ASN B 53 -14.30 13.42 3.17
CA ASN B 53 -13.33 14.49 3.12
C ASN B 53 -12.70 14.66 4.47
N PHE B 54 -11.68 13.85 4.75
CA PHE B 54 -11.05 13.86 6.06
C PHE B 54 -10.05 15.00 6.22
N THR B 55 -9.99 15.55 7.43
CA THR B 55 -8.99 16.55 7.77
C THR B 55 -7.91 15.89 8.63
N GLU B 56 -6.78 16.58 8.81
CA GLU B 56 -5.67 16.03 9.59
C GLU B 56 -6.12 15.53 10.95
N ASN B 57 -6.96 16.31 11.63
CA ASN B 57 -7.35 15.98 12.99
C ASN B 57 -8.30 14.80 13.11
N ASP B 58 -8.80 14.33 11.98
CA ASP B 58 -9.73 13.21 11.96
C ASP B 58 -9.01 11.87 12.10
N LEU B 59 -7.70 11.86 11.83
CA LEU B 59 -6.99 10.61 11.58
C LEU B 59 -5.76 10.37 12.46
N LEU B 60 -5.34 9.11 12.50
CA LEU B 60 -4.03 8.72 13.01
C LEU B 60 -3.41 7.74 12.03
N VAL B 61 -2.09 7.61 12.05
CA VAL B 61 -1.47 6.51 11.33
C VAL B 61 -0.86 5.57 12.37
N ARG B 62 -0.99 4.27 12.13
CA ARG B 62 -0.45 3.28 13.04
C ARG B 62 0.58 2.47 12.29
N ILE B 63 1.80 2.49 12.82
CA ILE B 63 2.94 1.94 12.11
C ILE B 63 3.55 0.77 12.88
N GLY B 64 4.00 -0.26 12.15
CA GLY B 64 4.64 -1.41 12.78
C GLY B 64 3.68 -2.49 13.24
N LYS B 65 2.45 -2.46 12.70
CA LYS B 65 1.41 -3.37 13.15
C LYS B 65 1.41 -4.72 12.44
N HIS B 66 0.79 -5.69 13.10
CA HIS B 66 0.57 -6.99 12.50
C HIS B 66 -0.90 -7.37 12.71
N SER B 67 -1.33 -7.43 13.96
CA SER B 67 -2.73 -7.63 14.28
C SER B 67 -3.58 -6.48 13.74
N ARG B 68 -4.73 -6.81 13.15
CA ARG B 68 -5.67 -5.79 12.67
C ARG B 68 -6.26 -4.96 13.81
N THR B 69 -6.75 -5.62 14.86
CA THR B 69 -7.55 -4.96 15.87
C THR B 69 -6.88 -4.68 17.22
N ARG B 70 -5.84 -5.44 17.53
N ARG B 70 -5.83 -5.45 17.52
CA ARG B 70 -5.22 -5.34 18.85
CA ARG B 70 -5.17 -5.31 18.82
C ARG B 70 -4.25 -4.16 18.93
C ARG B 70 -4.38 -4.02 18.87
N TYR B 71 -4.22 -3.48 20.08
CA TYR B 71 -3.25 -2.41 20.28
C TYR B 71 -1.93 -3.10 20.62
N GLU B 72 -0.97 -2.98 19.72
CA GLU B 72 0.26 -3.78 19.83
C GLU B 72 1.34 -3.09 20.66
N ARG B 73 1.12 -3.14 21.99
CA ARG B 73 1.95 -2.42 22.94
C ARG B 73 3.43 -2.76 22.76
N ASN B 74 4.28 -1.74 22.83
CA ASN B 74 5.72 -1.89 22.69
C ASN B 74 6.18 -2.25 21.28
N ILE B 75 5.26 -2.29 20.32
CA ILE B 75 5.61 -2.67 18.95
C ILE B 75 5.15 -1.62 17.97
N GLU B 76 3.85 -1.35 17.91
CA GLU B 76 3.35 -0.32 17.03
C GLU B 76 3.65 1.09 17.55
N LYS B 77 3.68 2.05 16.63
CA LYS B 77 3.76 3.47 16.94
C LYS B 77 2.56 4.17 16.33
N ILE B 78 1.90 5.02 17.10
CA ILE B 78 0.76 5.77 16.61
C ILE B 78 1.17 7.24 16.43
N SER B 79 0.97 7.76 15.23
CA SER B 79 1.43 9.10 14.88
C SER B 79 0.27 10.01 14.48
N MET B 80 0.41 11.30 14.81
CA MET B 80 -0.57 12.30 14.42
C MET B 80 -0.12 12.97 13.13
N LEU B 81 -1.08 13.52 12.39
CA LEU B 81 -0.77 14.15 11.11
C LEU B 81 -0.55 15.64 11.25
N GLU B 82 0.53 16.13 10.65
CA GLU B 82 0.76 17.56 10.55
C GLU B 82 -0.01 18.13 9.37
N LYS B 83 0.07 17.45 8.23
CA LYS B 83 -0.56 17.98 7.02
C LYS B 83 -0.81 16.89 5.97
N ILE B 84 -1.93 17.02 5.26
CA ILE B 84 -2.26 16.16 4.14
C ILE B 84 -2.05 16.91 2.82
N TYR B 85 -1.48 16.20 1.83
CA TYR B 85 -1.28 16.76 0.49
C TYR B 85 -1.89 15.80 -0.52
N ILE B 86 -2.90 16.27 -1.26
CA ILE B 86 -3.54 15.43 -2.25
C ILE B 86 -3.10 15.91 -3.64
N HIS B 87 -2.87 14.99 -4.59
CA HIS B 87 -2.46 15.45 -5.92
C HIS B 87 -3.45 16.47 -6.49
N PRO B 88 -2.95 17.59 -7.03
CA PRO B 88 -3.86 18.65 -7.49
C PRO B 88 -4.70 18.24 -8.68
N ARG B 89 -4.30 17.20 -9.40
CA ARG B 89 -5.09 16.73 -10.54
C ARG B 89 -5.71 15.35 -10.32
N TYR B 90 -5.82 14.94 -9.06
CA TYR B 90 -6.56 13.74 -8.69
C TYR B 90 -7.99 13.81 -9.24
N ASN B 91 -8.37 12.80 -10.02
CA ASN B 91 -9.65 12.82 -10.72
C ASN B 91 -10.71 11.93 -10.05
N TRP B 92 -11.33 12.47 -9.00
CA TRP B 92 -12.31 11.71 -8.25
C TRP B 92 -13.66 11.70 -8.97
N ARG B 93 -13.82 12.61 -9.92
CA ARG B 93 -15.09 12.72 -10.65
C ARG B 93 -15.28 11.56 -11.61
N GLU B 94 -14.19 11.06 -12.18
CA GLU B 94 -14.31 10.07 -13.24
C GLU B 94 -13.70 8.71 -12.89
N ASN B 95 -12.37 8.63 -12.91
CA ASN B 95 -11.70 7.32 -12.91
C ASN B 95 -10.59 7.17 -11.89
N LEU B 96 -10.51 8.08 -10.92
CA LEU B 96 -9.45 8.03 -9.90
C LEU B 96 -8.05 8.21 -10.50
N ASP B 97 -7.97 8.88 -11.64
CA ASP B 97 -6.65 9.19 -12.20
C ASP B 97 -5.82 9.98 -11.18
N ARG B 98 -4.54 9.62 -11.05
CA ARG B 98 -3.63 10.29 -10.10
C ARG B 98 -4.11 10.16 -8.67
N ASP B 99 -4.43 8.93 -8.28
CA ASP B 99 -4.98 8.62 -6.96
C ASP B 99 -3.83 8.50 -5.97
N ILE B 100 -3.34 9.64 -5.49
CA ILE B 100 -2.15 9.65 -4.64
C ILE B 100 -2.21 10.81 -3.66
N ALA B 101 -1.72 10.58 -2.45
CA ALA B 101 -1.68 11.60 -1.41
C ALA B 101 -0.51 11.33 -0.48
N LEU B 102 0.03 12.40 0.10
CA LEU B 102 1.10 12.30 1.07
C LEU B 102 0.62 12.84 2.40
N MET B 103 1.11 12.26 3.48
CA MET B 103 0.78 12.73 4.81
C MET B 103 2.08 12.95 5.58
N LYS B 104 2.25 14.17 6.11
CA LYS B 104 3.41 14.48 6.92
C LYS B 104 3.10 14.29 8.40
N LEU B 105 3.93 13.54 9.10
CA LEU B 105 3.69 13.26 10.53
C LEU B 105 4.13 14.42 11.39
N LYS B 106 3.48 14.60 12.54
CA LYS B 106 3.87 15.67 13.46
C LYS B 106 5.29 15.49 14.00
N LYS B 107 5.65 14.25 14.31
CA LYS B 107 7.00 13.93 14.80
C LYS B 107 7.53 12.75 14.02
N PRO B 108 8.86 12.71 13.81
CA PRO B 108 9.45 11.56 13.13
C PRO B 108 9.23 10.28 13.93
N VAL B 109 9.00 9.17 13.24
CA VAL B 109 8.81 7.88 13.91
C VAL B 109 10.15 7.18 14.03
N ALA B 110 10.39 6.47 15.14
CA ALA B 110 11.62 5.72 15.30
C ALA B 110 11.54 4.39 14.56
N PHE B 111 12.60 4.07 13.80
CA PHE B 111 12.64 2.80 13.10
C PHE B 111 12.94 1.67 14.09
N SER B 112 12.57 0.45 13.72
CA SER B 112 12.73 -0.71 14.60
C SER B 112 12.71 -1.95 13.72
N ASP B 113 12.69 -3.12 14.34
CA ASP B 113 12.59 -4.36 13.58
C ASP B 113 11.29 -4.40 12.79
N TYR B 114 10.31 -3.62 13.23
CA TYR B 114 8.94 -3.71 12.71
C TYR B 114 8.53 -2.49 11.90
N ILE B 115 9.39 -1.48 11.91
CA ILE B 115 9.10 -0.17 11.32
C ILE B 115 10.29 0.26 10.48
N HIS B 116 10.08 0.35 9.18
CA HIS B 116 11.18 0.66 8.26
C HIS B 116 10.60 1.08 6.94
N PRO B 117 11.19 2.10 6.30
CA PRO B 117 10.64 2.66 5.05
C PRO B 117 10.96 1.83 3.82
N VAL B 118 10.06 1.93 2.84
CA VAL B 118 10.22 1.24 1.57
C VAL B 118 10.87 2.25 0.62
N CYS B 119 11.53 1.76 -0.43
CA CYS B 119 12.10 2.67 -1.42
C CYS B 119 11.08 3.13 -2.46
N LEU B 120 11.28 4.33 -2.99
CA LEU B 120 10.53 4.76 -4.17
C LEU B 120 11.39 4.56 -5.41
N PRO B 121 10.77 4.11 -6.51
CA PRO B 121 11.52 3.73 -7.72
C PRO B 121 12.11 4.92 -8.47
N ASP B 122 13.33 4.73 -9.00
CA ASP B 122 13.91 5.64 -10.00
C ASP B 122 13.42 5.19 -11.38
N ARG B 123 13.71 5.98 -12.40
CA ARG B 123 13.25 5.65 -13.76
C ARG B 123 13.71 4.28 -14.20
N GLU B 124 14.96 3.95 -13.90
CA GLU B 124 15.57 2.71 -14.35
C GLU B 124 14.94 1.47 -13.69
N THR B 125 14.70 1.54 -12.38
CA THR B 125 14.08 0.42 -11.68
C THR B 125 12.64 0.22 -12.19
N ALA B 126 11.92 1.32 -12.39
CA ALA B 126 10.57 1.25 -12.95
C ALA B 126 10.58 0.61 -14.33
N ALA B 127 11.49 1.04 -15.18
CA ALA B 127 11.55 0.50 -16.53
C ALA B 127 11.84 -0.99 -16.52
N SER B 128 12.73 -1.41 -15.61
CA SER B 128 13.13 -2.80 -15.52
C SER B 128 12.06 -3.74 -14.97
N LEU B 129 11.33 -3.27 -13.95
CA LEU B 129 10.44 -4.14 -13.20
C LEU B 129 8.96 -4.09 -13.62
N LEU B 130 8.51 -2.96 -14.14
CA LEU B 130 7.08 -2.82 -14.47
C LEU B 130 6.78 -3.44 -15.82
N GLN B 131 6.82 -4.76 -15.88
CA GLN B 131 6.61 -5.50 -17.12
C GLN B 131 5.55 -6.57 -16.90
N ALA B 132 4.71 -6.80 -17.91
CA ALA B 132 3.67 -7.83 -17.83
C ALA B 132 4.27 -9.16 -17.43
N GLY B 133 3.66 -9.83 -16.46
CA GLY B 133 4.14 -11.12 -16.02
C GLY B 133 4.97 -11.03 -14.74
N TYR B 134 5.69 -9.92 -14.56
CA TYR B 134 6.47 -9.71 -13.35
C TYR B 134 5.51 -9.55 -12.16
N LYS B 135 5.84 -10.18 -11.04
CA LYS B 135 4.96 -10.13 -9.88
C LYS B 135 5.39 -9.12 -8.84
N GLY B 136 4.41 -8.49 -8.22
CA GLY B 136 4.64 -7.62 -7.08
C GLY B 136 3.86 -8.20 -5.92
N ARG B 137 3.88 -7.51 -4.78
CA ARG B 137 3.24 -8.01 -3.57
C ARG B 137 2.36 -6.93 -3.00
N VAL B 138 1.13 -7.31 -2.66
CA VAL B 138 0.17 -6.39 -2.06
CA VAL B 138 0.22 -6.36 -2.03
C VAL B 138 -0.17 -6.86 -0.65
N THR B 139 -0.33 -5.91 0.27
CA THR B 139 -0.54 -6.22 1.67
C THR B 139 -1.65 -5.34 2.22
N GLY B 140 -2.39 -5.85 3.20
CA GLY B 140 -3.41 -5.03 3.82
C GLY B 140 -4.27 -5.77 4.82
N TRP B 141 -5.11 -5.01 5.54
CA TRP B 141 -6.04 -5.56 6.52
C TRP B 141 -7.47 -5.49 6.03
N GLY B 142 -7.64 -5.35 4.71
CA GLY B 142 -8.97 -5.23 4.13
C GLY B 142 -9.74 -6.54 4.07
N ASN B 143 -10.95 -6.47 3.54
CA ASN B 143 -11.84 -7.63 3.48
C ASN B 143 -11.21 -8.88 2.83
N LEU B 144 -11.57 -10.03 3.37
CA LEU B 144 -11.09 -11.32 2.86
C LEU B 144 -11.91 -11.82 1.67
N LYS B 145 -13.06 -11.23 1.43
CA LYS B 145 -13.89 -11.57 0.27
C LYS B 145 -14.83 -10.44 -0.08
N GLU B 146 -15.35 -10.46 -1.30
CA GLU B 146 -16.23 -9.40 -1.77
C GLU B 146 -17.47 -9.26 -0.89
N THR B 147 -18.07 -10.39 -0.53
CA THR B 147 -19.20 -10.41 0.40
C THR B 147 -19.17 -11.67 1.24
N GLY B 155 -14.75 -12.78 7.03
CA GLY B 155 -15.01 -11.39 6.71
C GLY B 155 -13.76 -10.52 6.77
N GLN B 156 -13.26 -10.31 7.97
CA GLN B 156 -12.05 -9.50 8.16
C GLN B 156 -10.94 -10.35 8.76
N PRO B 157 -9.68 -10.03 8.42
CA PRO B 157 -8.57 -10.86 8.87
C PRO B 157 -8.11 -10.53 10.30
N SER B 158 -7.53 -11.51 10.98
CA SER B 158 -6.98 -11.27 12.30
C SER B 158 -5.67 -10.50 12.23
N VAL B 159 -4.86 -10.79 11.21
CA VAL B 159 -3.59 -10.12 11.04
C VAL B 159 -3.37 -9.70 9.58
N LEU B 160 -2.34 -8.90 9.37
CA LEU B 160 -1.95 -8.43 8.04
C LEU B 160 -1.91 -9.57 7.02
N GLN B 161 -2.52 -9.33 5.85
CA GLN B 161 -2.55 -10.30 4.75
C GLN B 161 -1.61 -9.90 3.63
N VAL B 162 -1.10 -10.91 2.91
CA VAL B 162 -0.16 -10.70 1.81
CA VAL B 162 -0.19 -10.67 1.80
C VAL B 162 -0.57 -11.54 0.59
N VAL B 163 -0.42 -10.99 -0.61
CA VAL B 163 -0.61 -11.79 -1.81
C VAL B 163 0.33 -11.29 -2.91
N ASN B 164 0.88 -12.22 -3.69
CA ASN B 164 1.73 -11.84 -4.82
C ASN B 164 0.93 -11.95 -6.11
N LEU B 165 1.02 -10.93 -6.95
CA LEU B 165 0.18 -10.83 -8.15
C LEU B 165 1.00 -10.37 -9.34
N PRO B 166 0.73 -10.94 -10.53
CA PRO B 166 1.50 -10.50 -11.69
C PRO B 166 0.90 -9.26 -12.36
N ILE B 167 1.78 -8.39 -12.85
CA ILE B 167 1.38 -7.24 -13.63
C ILE B 167 0.75 -7.71 -14.95
N VAL B 168 -0.31 -7.04 -15.37
CA VAL B 168 -1.04 -7.48 -16.57
C VAL B 168 -0.77 -6.53 -17.76
N GLU B 169 -0.75 -7.08 -18.97
CA GLU B 169 -0.53 -6.26 -20.17
C GLU B 169 -1.62 -5.21 -20.28
N ARG B 170 -1.25 -4.01 -20.74
CA ARG B 170 -2.19 -2.88 -20.79
C ARG B 170 -3.48 -3.15 -21.60
N PRO B 171 -3.37 -3.81 -22.75
CA PRO B 171 -4.58 -4.09 -23.53
C PRO B 171 -5.57 -4.97 -22.79
N VAL B 172 -5.07 -5.90 -21.97
CA VAL B 172 -5.94 -6.76 -21.19
C VAL B 172 -6.60 -5.96 -20.07
N CYS B 173 -5.83 -5.12 -19.39
CA CYS B 173 -6.39 -4.23 -18.38
C CYS B 173 -7.54 -3.43 -18.96
N LYS B 174 -7.29 -2.78 -20.09
CA LYS B 174 -8.31 -1.94 -20.72
C LYS B 174 -9.56 -2.72 -21.15
N ASP B 175 -9.36 -3.92 -21.69
CA ASP B 175 -10.47 -4.75 -22.18
C ASP B 175 -11.29 -5.41 -21.08
N SER B 176 -10.86 -5.25 -19.83
CA SER B 176 -11.54 -5.86 -18.69
C SER B 176 -12.59 -4.95 -18.06
N THR B 177 -12.70 -3.71 -18.55
CA THR B 177 -13.44 -2.67 -17.84
C THR B 177 -14.02 -1.62 -18.78
N ARG B 178 -15.07 -0.94 -18.34
CA ARG B 178 -15.63 0.15 -19.12
C ARG B 178 -15.01 1.48 -18.68
N ILE B 179 -14.30 1.45 -17.55
CA ILE B 179 -13.64 2.64 -17.05
C ILE B 179 -12.45 3.04 -17.94
N ARG B 180 -12.25 4.35 -18.09
CA ARG B 180 -11.12 4.85 -18.87
C ARG B 180 -9.82 4.73 -18.09
N ILE B 181 -8.90 3.91 -18.59
CA ILE B 181 -7.60 3.67 -17.94
C ILE B 181 -6.59 4.70 -18.46
N THR B 182 -5.72 5.20 -17.58
CA THR B 182 -4.72 6.19 -17.95
C THR B 182 -3.31 5.65 -17.74
N ASP B 183 -2.33 6.39 -18.24
CA ASP B 183 -0.92 6.03 -18.07
C ASP B 183 -0.49 6.09 -16.61
N ASN B 184 -1.31 6.68 -15.75
CA ASN B 184 -0.97 6.79 -14.34
C ASN B 184 -1.47 5.62 -13.53
N MET B 185 -1.93 4.59 -14.22
CA MET B 185 -2.44 3.37 -13.58
C MET B 185 -1.80 2.15 -14.21
N PHE B 186 -1.70 1.08 -13.43
CA PHE B 186 -1.44 -0.22 -14.01
C PHE B 186 -2.34 -1.24 -13.33
N CYS B 187 -2.47 -2.41 -13.91
CA CYS B 187 -3.34 -3.41 -13.30
C CYS B 187 -2.55 -4.70 -13.06
N ALA B 188 -3.01 -5.47 -12.09
CA ALA B 188 -2.35 -6.71 -11.72
C ALA B 188 -3.36 -7.75 -11.29
N GLY B 189 -3.02 -9.02 -11.48
CA GLY B 189 -3.88 -10.11 -11.08
C GLY B 189 -3.74 -11.25 -12.04
N TYR B 190 -4.20 -12.43 -11.64
CA TYR B 190 -4.20 -13.58 -12.51
C TYR B 190 -5.38 -13.56 -13.47
N LYS B 191 -5.16 -14.12 -14.66
CA LYS B 191 -6.22 -14.32 -15.64
C LYS B 191 -7.02 -15.57 -15.24
N PRO B 192 -8.27 -15.66 -15.71
CA PRO B 192 -9.13 -16.81 -15.38
C PRO B 192 -8.50 -18.17 -15.66
N ASP B 193 -7.76 -18.28 -16.76
CA ASP B 193 -7.19 -19.58 -17.12
C ASP B 193 -5.87 -19.87 -16.40
N GLU B 194 -5.37 -18.90 -15.64
CA GLU B 194 -4.11 -19.08 -14.93
C GLU B 194 -4.23 -19.90 -13.65
N GLY B 195 -5.47 -20.17 -13.22
CA GLY B 195 -5.69 -21.03 -12.07
C GLY B 195 -5.65 -20.33 -10.72
N LYS B 196 -4.48 -19.84 -10.32
CA LYS B 196 -4.35 -19.15 -9.05
C LYS B 196 -5.08 -17.80 -9.08
N ARG B 197 -5.36 -17.24 -7.90
CA ARG B 197 -6.12 -15.99 -7.85
C ARG B 197 -5.64 -15.08 -6.73
N GLY B 198 -6.45 -14.10 -6.36
CA GLY B 198 -6.02 -13.09 -5.39
C GLY B 198 -6.23 -11.67 -5.86
N ASP B 199 -6.50 -10.79 -4.91
CA ASP B 199 -6.82 -9.41 -5.24
C ASP B 199 -6.82 -8.61 -3.94
N ALA B 200 -6.68 -7.30 -4.07
CA ALA B 200 -6.99 -6.37 -2.99
C ALA B 200 -8.50 -6.24 -2.91
N CYS B 201 -8.98 -5.68 -1.81
CA CYS B 201 -10.40 -5.49 -1.61
C CYS B 201 -10.64 -4.22 -0.78
N GLU B 202 -11.90 -3.91 -0.48
CA GLU B 202 -12.24 -2.82 0.42
C GLU B 202 -11.41 -2.88 1.70
N GLY B 203 -10.84 -1.75 2.12
CA GLY B 203 -9.98 -1.72 3.29
C GLY B 203 -8.50 -1.79 2.94
N ASP B 204 -8.17 -2.32 1.76
CA ASP B 204 -6.78 -2.41 1.31
C ASP B 204 -6.32 -1.14 0.59
N SER B 205 -7.29 -0.33 0.15
CA SER B 205 -7.02 0.97 -0.49
C SER B 205 -5.86 1.68 0.14
N GLY B 206 -4.99 2.27 -0.69
CA GLY B 206 -3.92 3.10 -0.18
C GLY B 206 -2.67 2.33 0.19
N GLY B 207 -2.78 1.01 0.35
CA GLY B 207 -1.63 0.18 0.66
C GLY B 207 -0.68 0.05 -0.52
N PRO B 208 0.49 -0.53 -0.28
CA PRO B 208 1.56 -0.59 -1.28
C PRO B 208 1.57 -1.86 -2.12
N PHE B 209 1.90 -1.70 -3.41
CA PHE B 209 2.26 -2.79 -4.33
C PHE B 209 3.76 -2.71 -4.44
N VAL B 210 4.48 -3.70 -3.91
CA VAL B 210 5.95 -3.63 -3.87
C VAL B 210 6.59 -4.73 -4.70
N MET B 211 7.82 -4.47 -5.15
CA MET B 211 8.59 -5.47 -5.87
C MET B 211 10.00 -5.45 -5.31
N LYS B 212 10.64 -6.62 -5.28
CA LYS B 212 12.00 -6.69 -4.77
C LYS B 212 12.97 -6.65 -5.93
N SER B 213 13.76 -5.59 -6.03
CA SER B 213 14.70 -5.48 -7.14
C SER B 213 15.73 -6.61 -7.09
N PRO B 214 15.90 -7.34 -8.21
CA PRO B 214 16.93 -8.39 -8.27
C PRO B 214 18.32 -7.79 -8.49
N PHE B 215 18.39 -6.49 -8.75
CA PHE B 215 19.67 -5.79 -8.96
C PHE B 215 20.32 -5.37 -7.66
N ASN B 216 19.54 -4.88 -6.71
CA ASN B 216 20.15 -4.46 -5.45
C ASN B 216 19.49 -5.06 -4.19
N ASN B 217 18.59 -6.01 -4.42
CA ASN B 217 17.88 -6.69 -3.35
C ASN B 217 17.09 -5.79 -2.40
N ARG B 218 16.63 -4.64 -2.90
CA ARG B 218 15.81 -3.72 -2.10
C ARG B 218 14.38 -3.75 -2.56
N TRP B 219 13.48 -3.51 -1.64
CA TRP B 219 12.06 -3.42 -1.97
C TRP B 219 11.65 -2.03 -2.40
N TYR B 220 10.92 -1.96 -3.51
CA TYR B 220 10.45 -0.70 -4.09
C TYR B 220 8.95 -0.68 -4.19
N GLN B 221 8.33 0.45 -3.83
CA GLN B 221 6.89 0.57 -3.98
C GLN B 221 6.55 1.08 -5.37
N MET B 222 6.01 0.20 -6.20
CA MET B 222 5.70 0.55 -7.58
C MET B 222 4.27 1.04 -7.72
N GLY B 223 3.39 0.58 -6.83
CA GLY B 223 1.98 0.97 -6.95
C GLY B 223 1.32 1.27 -5.63
N ILE B 224 0.13 1.88 -5.72
CA ILE B 224 -0.73 2.11 -4.57
C ILE B 224 -2.07 1.48 -4.90
N VAL B 225 -2.63 0.68 -3.97
CA VAL B 225 -3.93 0.06 -4.21
C VAL B 225 -4.96 1.14 -4.45
N SER B 226 -5.59 1.12 -5.63
CA SER B 226 -6.48 2.22 -6.01
C SER B 226 -7.94 1.81 -6.17
N TRP B 227 -8.22 0.94 -7.13
CA TRP B 227 -9.60 0.56 -7.38
C TRP B 227 -9.77 -0.80 -8.02
N GLY B 228 -11.00 -1.30 -7.96
CA GLY B 228 -11.30 -2.59 -8.55
C GLY B 228 -12.81 -2.71 -8.61
N GLU B 229 -13.30 -3.46 -9.57
CA GLU B 229 -14.73 -3.71 -9.67
C GLU B 229 -15.03 -5.08 -9.07
N GLY B 230 -15.56 -5.08 -7.85
CA GLY B 230 -15.64 -6.30 -7.07
C GLY B 230 -14.25 -6.65 -6.56
N CYS B 231 -14.12 -7.82 -5.93
CA CYS B 231 -12.82 -8.33 -5.49
C CYS B 231 -12.62 -9.75 -5.98
N ASP B 232 -11.48 -9.98 -6.64
CA ASP B 232 -11.07 -11.31 -7.09
C ASP B 232 -12.11 -11.95 -8.01
N ARG B 233 -12.72 -11.15 -8.86
CA ARG B 233 -13.64 -11.69 -9.86
C ARG B 233 -12.85 -12.15 -11.08
N ASP B 234 -13.29 -13.25 -11.69
CA ASP B 234 -12.67 -13.75 -12.90
C ASP B 234 -12.80 -12.71 -14.00
N GLY B 235 -11.70 -12.44 -14.71
CA GLY B 235 -11.73 -11.53 -15.81
C GLY B 235 -11.65 -10.07 -15.41
N LYS B 236 -11.57 -9.81 -14.10
CA LYS B 236 -11.34 -8.45 -13.61
C LYS B 236 -9.95 -8.40 -12.96
N TYR B 237 -9.43 -7.19 -12.84
CA TYR B 237 -8.08 -6.96 -12.31
C TYR B 237 -8.10 -5.80 -11.33
N GLY B 238 -7.13 -5.79 -10.42
CA GLY B 238 -7.00 -4.66 -9.52
C GLY B 238 -6.18 -3.58 -10.19
N PHE B 239 -6.53 -2.34 -9.92
CA PHE B 239 -5.82 -1.21 -10.50
C PHE B 239 -5.06 -0.46 -9.44
N TYR B 240 -3.85 -0.05 -9.81
CA TYR B 240 -2.88 0.54 -8.90
C TYR B 240 -2.39 1.88 -9.46
N THR B 241 -2.27 2.87 -8.58
CA THR B 241 -1.60 4.11 -8.97
C THR B 241 -0.13 3.86 -9.32
N HIS B 242 0.31 4.41 -10.44
CA HIS B 242 1.67 4.23 -10.95
C HIS B 242 2.61 5.20 -10.24
N VAL B 243 3.28 4.74 -9.19
CA VAL B 243 4.04 5.63 -8.32
C VAL B 243 5.14 6.38 -9.07
N PHE B 244 5.86 5.70 -9.94
CA PHE B 244 6.94 6.40 -10.62
C PHE B 244 6.43 7.54 -11.52
N ARG B 245 5.28 7.33 -12.18
CA ARG B 245 4.74 8.36 -13.05
C ARG B 245 4.42 9.62 -12.27
N LEU B 246 4.24 9.49 -10.96
CA LEU B 246 3.85 10.63 -10.14
C LEU B 246 4.97 11.09 -9.20
N LYS B 247 6.17 10.55 -9.42
CA LYS B 247 7.30 10.82 -8.53
C LYS B 247 7.71 12.29 -8.55
N LYS B 248 7.45 12.97 -9.66
CA LYS B 248 7.83 14.38 -9.74
C LYS B 248 7.02 15.21 -8.74
N TRP B 249 5.74 14.88 -8.61
CA TRP B 249 4.88 15.55 -7.63
C TRP B 249 5.31 15.18 -6.21
N ILE B 250 5.60 13.91 -6.00
CA ILE B 250 6.07 13.45 -4.69
C ILE B 250 7.31 14.22 -4.23
N GLN B 251 8.29 14.29 -5.10
CA GLN B 251 9.54 14.96 -4.77
C GLN B 251 9.32 16.45 -4.53
N LYS B 252 8.41 17.04 -5.31
CA LYS B 252 8.12 18.45 -5.18
C LYS B 252 7.51 18.77 -3.82
N VAL B 253 6.56 17.93 -3.40
CA VAL B 253 5.94 18.10 -2.09
C VAL B 253 6.94 17.97 -0.95
N ILE B 254 7.73 16.90 -0.99
CA ILE B 254 8.71 16.68 0.06
C ILE B 254 9.79 17.77 0.06
N ASP B 255 10.21 18.20 -1.12
CA ASP B 255 11.23 19.26 -1.22
C ASP B 255 10.73 20.57 -0.64
N GLN B 256 9.45 20.87 -0.89
CA GLN B 256 8.85 22.15 -0.52
C GLN B 256 8.42 22.20 0.95
N PHE B 257 7.94 21.08 1.47
CA PHE B 257 7.35 21.07 2.81
C PHE B 257 8.08 20.18 3.81
N GLY B 258 9.10 19.47 3.36
CA GLY B 258 9.84 18.55 4.21
C GLY B 258 10.56 19.24 5.35
N ASP C 3 -14.84 -3.13 17.34
CA ASP C 3 -14.11 -4.38 17.12
C ASP C 3 -12.62 -4.20 17.41
N PHE C 4 -12.19 -2.94 17.47
CA PHE C 4 -10.80 -2.61 17.71
C PHE C 4 -10.54 -2.40 19.20
N GLU C 5 -9.37 -2.84 19.66
CA GLU C 5 -8.98 -2.58 21.03
C GLU C 5 -8.75 -1.09 21.19
N GLU C 6 -9.23 -0.52 22.30
CA GLU C 6 -9.08 0.91 22.55
C GLU C 6 -7.60 1.28 22.60
N ILE C 7 -7.24 2.36 21.91
CA ILE C 7 -5.86 2.82 21.96
C ILE C 7 -5.68 3.80 23.11
N PRO C 8 -4.43 3.96 23.58
CA PRO C 8 -4.15 4.87 24.70
C PRO C 8 -4.69 6.27 24.44
N GLU C 9 -5.33 6.86 25.44
CA GLU C 9 -6.01 8.14 25.28
C GLU C 9 -5.04 9.25 24.86
N GLU C 10 -3.75 9.06 25.14
CA GLU C 10 -2.75 10.05 24.76
C GLU C 10 -2.81 10.38 23.26
N TYS C 11 -3.09 9.39 22.42
CA TYS C 11 -3.08 9.57 20.99
CB TYS C 11 -2.88 8.25 20.31
CG TYS C 11 -1.62 7.57 20.71
CD1 TYS C 11 -0.41 8.15 20.37
CD2 TYS C 11 -1.66 6.37 21.41
CE1 TYS C 11 0.77 7.53 20.74
CE2 TYS C 11 -0.47 5.75 21.78
CZ TYS C 11 0.75 6.34 21.45
OH TYS C 11 1.93 5.75 21.81
S TYS C 11 2.61 4.77 20.93
O1 TYS C 11 3.22 5.44 19.77
O2 TYS C 11 3.68 4.13 21.73
O3 TYS C 11 1.67 3.75 20.47
C TYS C 11 -4.32 10.24 20.48
O TYS C 11 -4.35 10.67 19.34
N LEU C 12 -5.35 10.32 21.31
CA LEU C 12 -6.61 10.92 20.90
C LEU C 12 -6.70 12.38 21.33
N GLN C 13 -5.64 12.86 21.98
CA GLN C 13 -5.57 14.25 22.42
C GLN C 13 -4.89 15.12 21.36
C1 NAG D . -12.66 19.27 1.52
C2 NAG D . -13.29 20.27 0.55
C3 NAG D . -12.54 21.53 0.46
C4 NAG D . -12.37 22.12 1.77
C5 NAG D . -11.68 21.17 2.68
C6 NAG D . -11.54 21.76 4.03
C7 NAG D . -12.41 19.32 -1.72
C8 NAG D . -10.94 19.49 -1.36
N2 NAG D . -13.50 19.69 -0.80
O3 NAG D . -13.23 22.46 -0.41
O4 NAG D . -11.62 23.36 1.68
O5 NAG D . -12.38 19.86 2.77
O6 NAG D . -12.76 22.17 4.67
O7 NAG D . -12.70 18.85 -2.80
NA NA E . -12.52 -1.29 -21.92
NA NA F . -9.71 -11.23 -11.21
C1 GOL G . -12.74 2.46 -0.17
O1 GOL G . -13.28 3.67 0.24
C2 GOL G . -11.66 1.88 0.71
O2 GOL G . -11.24 0.60 0.40
C3 GOL G . -11.90 2.11 2.19
O3 GOL G . -10.89 1.70 3.04
N22 98P H . -15.60 -0.04 -7.27
C3 98P H . -15.00 1.25 -7.56
C4 98P H . -13.78 1.42 -6.72
O26 98P H . -12.92 0.54 -6.67
C2 98P H . -14.68 1.33 -9.06
C1 98P H . -14.41 2.78 -9.45
C5 98P H . -15.42 3.73 -9.32
C9 98P H . -13.18 3.14 -9.96
C6 98P H . -15.16 5.06 -9.68
C8 98P H . -12.93 4.45 -10.32
C7 98P H . -13.92 5.42 -10.18
N23 98P H . -13.67 2.56 -6.00
C10 98P H . -12.50 2.75 -5.15
C11 98P H . -12.41 1.64 -4.15
O27 98P H . -13.42 1.29 -3.55
C14 98P H . -12.75 4.07 -4.44
C15 98P H . -13.86 4.77 -5.23
C16 98P H . -14.61 3.67 -5.96
C12 98P H . -10.99 -0.04 -3.05
C13 98P H . -11.40 -1.32 -3.74
C17 98P H . -12.72 -1.74 -3.75
C18 98P H . -14.48 -3.30 -4.36
C19 98P H . -12.17 -3.63 -5.00
C20 98P H . -10.83 -3.27 -5.02
C21 98P H . -10.47 -2.10 -4.38
N24 98P H . -11.23 1.07 -3.97
N25 98P H . -13.08 -2.88 -4.37
CL28 98P H . -8.77 -1.56 -4.39
#